data_9JF8
#
_entry.id   9JF8
#
_cell.length_a   1.00
_cell.length_b   1.00
_cell.length_c   1.00
_cell.angle_alpha   90.00
_cell.angle_beta   90.00
_cell.angle_gamma   90.00
#
_symmetry.space_group_name_H-M   'P 1'
#
loop_
_entity.id
_entity.type
_entity.pdbx_description
1 polymer 'Phosphate transporter PHO1 homolog 1'
2 non-polymer 'PHOSPHATE ION'
#
_entity_poly.entity_id   1
_entity_poly.type   'polypeptide(L)'
_entity_poly.pdbx_seq_one_letter_code
;MVKFTKQFEGQLVPEWKDAFVDYSQLKKDLKKIHLFTNGVEKKHTETSLIKTVKSSLGRLSIFGNKGREQSRVIQVHKKL
ASSGSNNDVYETELLEKIADDTDAAKEFFACLDMQLNKVNQFYKTKEKEFLERGECLKKQMDILIELKDAFKQKQANGES
TQESKEDDSISCTISCEYDSVRGRTEEMQLQVSCLDNLEDNGEEALESLGSEEPIKANNEDSKLTTVSSRVFSCQGKNVK
IKIPLTNPSRTFSAISYLINQSSSKKNGPDGGNKLQISKKKLSHAEKMIKGALTELFKGLNYLKTYRNLNILAFMNILKK
FDKVTGKQILPIYLKVVESSYFNISDKVMILSDEVEEWFIKHLAGENRRKAMKYLKPHHRKESHSVTFFIGLFTGCFVAL
LAGYIIVAHLTGMYRQHSANTFYMETAYPVLSMFGLLFLHLFLYGCNIFMWRKARINYSFIFELGSKNELKYRDVFLICT
ASMSAIAGVMFVHLSLLEKGYSFRQVQVIPGLLLLGFLLILICPLNIFYKSSRYRLISVIRNIVFSPLYKVVMLDFFMAD
QLCSQVPMLRNLEYIACYYITGSYATQDYEYCMRVKYYRDLAYAVSFLPYYWRAMQCARRWFDEGETSHLVNLGKYVSAM
LAAGTKVAYEKERSLGWLCLVVAMSSVATIYQLYWDFVKDWGLLQHNSNNPWLRNQLMLRQKSIYYFSMVLNLVLRLAWL
QTVLHSSFEHVDYRVTGLFLAALEVIRRGQWNFYRLENEHLNNAGKFRAVKTVPLPFREVDEED
;
_entity_poly.pdbx_strand_id   A
#
loop_
_chem_comp.id
_chem_comp.type
_chem_comp.name
_chem_comp.formula
PO4 non-polymer 'PHOSPHATE ION' 'O4 P -3'
#
# COMPACT_ATOMS: atom_id res chain seq x y z
N SER A 383 -2.34 15.08 24.44
CA SER A 383 -3.07 15.36 25.67
C SER A 383 -4.53 15.67 25.38
N HIS A 384 -5.07 16.70 26.04
CA HIS A 384 -6.47 17.06 25.88
C HIS A 384 -6.74 17.83 24.60
N SER A 385 -5.72 18.45 24.01
CA SER A 385 -5.89 19.22 22.78
C SER A 385 -5.65 18.40 21.52
N VAL A 386 -4.94 17.27 21.64
CA VAL A 386 -4.68 16.42 20.48
C VAL A 386 -5.97 15.76 20.00
N THR A 387 -6.88 15.45 20.93
CA THR A 387 -8.17 14.86 20.57
C THR A 387 -9.04 15.85 19.79
N PHE A 388 -8.89 17.15 20.09
CA PHE A 388 -9.64 18.17 19.36
C PHE A 388 -9.16 18.28 17.92
N PHE A 389 -7.86 18.40 17.71
CA PHE A 389 -7.32 18.61 16.37
C PHE A 389 -7.37 17.36 15.51
N ILE A 390 -7.47 16.17 16.10
CA ILE A 390 -7.75 14.98 15.32
C ILE A 390 -9.16 15.03 14.75
N GLY A 391 -10.12 15.43 15.58
CA GLY A 391 -11.49 15.55 15.11
C GLY A 391 -11.75 16.80 14.29
N LEU A 392 -10.91 17.82 14.44
CA LEU A 392 -11.05 19.03 13.64
C LEU A 392 -10.67 18.77 12.19
N PHE A 393 -9.56 18.05 11.98
CA PHE A 393 -9.13 17.75 10.63
C PHE A 393 -9.88 16.56 10.04
N THR A 394 -10.55 15.78 10.89
CA THR A 394 -11.39 14.69 10.38
C THR A 394 -12.64 15.23 9.70
N GLY A 395 -13.37 16.11 10.39
CA GLY A 395 -14.57 16.68 9.80
C GLY A 395 -14.27 17.66 8.69
N CYS A 396 -13.08 18.27 8.69
CA CYS A 396 -12.67 19.11 7.58
C CYS A 396 -12.35 18.26 6.36
N PHE A 397 -11.84 17.05 6.58
CA PHE A 397 -11.57 16.13 5.48
C PHE A 397 -12.87 15.62 4.85
N VAL A 398 -13.86 15.29 5.69
CA VAL A 398 -15.10 14.70 5.18
C VAL A 398 -15.95 15.76 4.46
N ALA A 399 -16.01 16.97 5.02
CA ALA A 399 -16.81 18.03 4.40
C ALA A 399 -16.17 18.54 3.10
N LEU A 400 -14.85 18.46 3.00
CA LEU A 400 -14.18 18.84 1.75
C LEU A 400 -14.44 17.81 0.66
N LEU A 401 -14.57 16.54 1.04
CA LEU A 401 -14.87 15.51 0.05
C LEU A 401 -16.31 15.59 -0.44
N ALA A 402 -17.25 15.83 0.48
CA ALA A 402 -18.66 15.97 0.07
C ALA A 402 -18.87 17.27 -0.70
N GLY A 403 -18.05 18.28 -0.45
CA GLY A 403 -18.05 19.44 -1.30
C GLY A 403 -17.42 19.17 -2.65
N TYR A 404 -16.39 18.31 -2.67
CA TYR A 404 -15.71 17.97 -3.93
C TYR A 404 -16.59 17.09 -4.81
N ILE A 405 -17.32 16.15 -4.19
CA ILE A 405 -18.14 15.21 -4.96
C ILE A 405 -19.34 15.93 -5.57
N ILE A 406 -19.95 16.85 -4.82
CA ILE A 406 -21.13 17.57 -5.30
C ILE A 406 -20.76 18.52 -6.44
N VAL A 407 -19.64 19.24 -6.31
CA VAL A 407 -19.22 20.14 -7.36
C VAL A 407 -18.67 19.37 -8.57
N ALA A 408 -18.31 18.10 -8.40
CA ALA A 408 -18.02 17.25 -9.55
C ALA A 408 -19.30 16.72 -10.19
N HIS A 409 -20.33 16.49 -9.36
CA HIS A 409 -21.58 15.89 -9.84
C HIS A 409 -22.34 16.80 -10.79
N LEU A 410 -22.25 18.11 -10.61
CA LEU A 410 -23.07 19.05 -11.35
C LEU A 410 -22.29 19.90 -12.35
N THR A 411 -20.99 19.70 -12.49
CA THR A 411 -20.22 20.58 -13.37
C THR A 411 -19.58 19.75 -14.48
N GLY A 412 -20.33 18.81 -15.04
CA GLY A 412 -19.90 18.11 -16.26
C GLY A 412 -18.91 16.98 -16.06
N MET A 413 -18.05 17.08 -15.04
CA MET A 413 -16.92 16.19 -14.84
C MET A 413 -17.24 15.05 -13.88
N TYR A 414 -18.50 14.61 -13.84
CA TYR A 414 -18.91 13.58 -12.89
C TYR A 414 -18.39 12.22 -13.28
N ARG A 415 -18.83 11.70 -14.42
CA ARG A 415 -18.42 10.41 -14.97
C ARG A 415 -18.06 10.57 -16.44
N GLN A 416 -17.21 11.56 -16.73
CA GLN A 416 -16.73 11.91 -18.07
C GLN A 416 -17.88 12.30 -19.00
N HIS A 417 -18.80 13.12 -18.49
CA HIS A 417 -19.88 13.65 -19.31
C HIS A 417 -19.46 14.84 -20.16
N SER A 418 -18.47 15.61 -19.71
CA SER A 418 -18.10 16.87 -20.34
C SER A 418 -17.10 16.63 -21.47
N ALA A 419 -16.84 17.70 -22.24
CA ALA A 419 -15.84 17.65 -23.29
C ALA A 419 -14.42 17.74 -22.74
N ASN A 420 -14.26 18.24 -21.50
CA ASN A 420 -12.97 18.24 -20.83
C ASN A 420 -12.77 16.86 -20.22
N THR A 421 -12.19 15.96 -21.01
CA THR A 421 -12.00 14.57 -20.60
C THR A 421 -10.78 14.37 -19.69
N PHE A 422 -10.10 15.46 -19.30
CA PHE A 422 -8.87 15.34 -18.53
C PHE A 422 -9.11 15.15 -17.04
N TYR A 423 -10.35 14.94 -16.60
CA TYR A 423 -10.63 14.81 -15.17
C TYR A 423 -10.22 13.45 -14.65
N MET A 424 -10.77 12.38 -15.23
CA MET A 424 -10.53 11.03 -14.76
C MET A 424 -9.19 10.44 -15.22
N GLU A 425 -8.28 11.27 -15.72
CA GLU A 425 -6.94 10.80 -16.04
C GLU A 425 -5.81 11.70 -15.57
N THR A 426 -6.04 12.99 -15.31
CA THR A 426 -4.99 13.87 -14.84
C THR A 426 -5.18 14.38 -13.42
N ALA A 427 -6.42 14.41 -12.91
CA ALA A 427 -6.69 14.82 -11.54
C ALA A 427 -7.14 13.68 -10.64
N TYR A 428 -7.71 12.63 -11.21
CA TYR A 428 -8.09 11.42 -10.47
C TYR A 428 -6.91 10.54 -10.04
N PRO A 429 -5.80 10.40 -10.81
CA PRO A 429 -4.62 9.72 -10.23
C PRO A 429 -3.92 10.47 -9.12
N VAL A 430 -4.21 11.76 -8.89
CA VAL A 430 -3.55 12.51 -7.83
C VAL A 430 -4.29 12.24 -6.53
N LEU A 431 -5.61 12.08 -6.61
CA LEU A 431 -6.42 11.73 -5.45
C LEU A 431 -6.46 10.24 -5.19
N SER A 432 -6.12 9.41 -6.18
CA SER A 432 -6.05 7.98 -5.97
C SER A 432 -4.73 7.56 -5.34
N MET A 433 -3.66 8.31 -5.61
CA MET A 433 -2.36 7.99 -5.05
C MET A 433 -2.26 8.44 -3.60
N PHE A 434 -2.94 9.53 -3.24
CA PHE A 434 -2.91 10.03 -1.88
C PHE A 434 -3.99 9.41 -1.01
N GLY A 435 -5.09 8.95 -1.59
CA GLY A 435 -6.11 8.26 -0.85
C GLY A 435 -5.80 6.83 -0.52
N LEU A 436 -4.74 6.27 -1.11
CA LEU A 436 -4.24 4.96 -0.77
C LEU A 436 -2.97 5.01 0.05
N LEU A 437 -2.25 6.13 0.05
CA LEU A 437 -1.06 6.30 0.87
C LEU A 437 -1.39 6.73 2.29
N PHE A 438 -2.50 7.44 2.49
CA PHE A 438 -2.93 7.83 3.82
C PHE A 438 -4.06 6.96 4.35
N LEU A 439 -4.48 5.96 3.59
CA LEU A 439 -5.27 4.86 4.14
C LEU A 439 -4.37 3.80 4.75
N HIS A 440 -3.16 3.60 4.19
CA HIS A 440 -2.22 2.66 4.78
C HIS A 440 -1.59 3.22 6.03
N LEU A 441 -1.33 4.53 6.06
CA LEU A 441 -0.76 5.15 7.25
C LEU A 441 -1.77 5.20 8.39
N PHE A 442 -3.05 5.33 8.06
CA PHE A 442 -4.09 5.27 9.08
C PHE A 442 -4.20 3.88 9.68
N LEU A 443 -4.00 2.84 8.86
CA LEU A 443 -4.10 1.48 9.35
C LEU A 443 -2.88 1.08 10.16
N TYR A 444 -1.75 1.78 9.97
CA TYR A 444 -0.61 1.55 10.85
C TYR A 444 -0.86 2.18 12.22
N GLY A 445 -1.61 3.28 12.26
CA GLY A 445 -1.97 3.87 13.54
C GLY A 445 -2.99 3.02 14.28
N CYS A 446 -3.85 2.31 13.55
CA CYS A 446 -4.75 1.36 14.17
C CYS A 446 -4.02 0.14 14.70
N ASN A 447 -2.88 -0.20 14.10
CA ASN A 447 -2.11 -1.36 14.53
C ASN A 447 -1.34 -1.09 15.81
N ILE A 448 -0.85 0.14 16.00
CA ILE A 448 -0.20 0.52 17.25
C ILE A 448 -1.19 0.46 18.41
N PHE A 449 -2.43 0.87 18.16
CA PHE A 449 -3.50 0.74 19.15
C PHE A 449 -3.80 -0.73 19.46
N MET A 450 -3.74 -1.58 18.44
CA MET A 450 -4.01 -3.00 18.65
C MET A 450 -2.86 -3.69 19.35
N TRP A 451 -1.62 -3.33 19.01
CA TRP A 451 -0.46 -4.01 19.59
C TRP A 451 -0.27 -3.64 21.06
N ARG A 452 -0.70 -2.45 21.46
CA ARG A 452 -0.53 -2.01 22.84
C ARG A 452 -1.64 -2.51 23.76
N LYS A 453 -2.85 -2.75 23.24
CA LYS A 453 -3.90 -3.34 24.04
C LYS A 453 -3.73 -4.84 24.23
N ALA A 454 -3.15 -5.52 23.24
CA ALA A 454 -2.90 -6.95 23.32
C ALA A 454 -1.55 -7.28 23.94
N ARG A 455 -0.85 -6.27 24.48
CA ARG A 455 0.44 -6.40 25.16
C ARG A 455 1.52 -7.00 24.28
N ILE A 456 1.51 -6.62 23.00
CA ILE A 456 2.58 -6.99 22.08
C ILE A 456 3.70 -5.97 22.21
N ASN A 457 4.90 -6.45 22.50
CA ASN A 457 6.08 -5.59 22.60
C ASN A 457 6.62 -5.29 21.20
N TYR A 458 5.86 -4.48 20.46
CA TYR A 458 6.21 -4.18 19.08
C TYR A 458 7.42 -3.26 18.99
N SER A 459 7.72 -2.52 20.06
CA SER A 459 8.92 -1.69 20.06
C SER A 459 10.18 -2.52 20.16
N PHE A 460 10.14 -3.61 20.93
CA PHE A 460 11.28 -4.50 21.02
C PHE A 460 11.40 -5.38 19.78
N ILE A 461 10.27 -5.74 19.18
CA ILE A 461 10.27 -6.60 18.01
C ILE A 461 10.78 -5.85 16.79
N PHE A 462 10.32 -4.60 16.59
CA PHE A 462 10.80 -3.75 15.51
C PHE A 462 12.16 -3.13 15.78
N GLU A 463 12.71 -3.33 16.99
CA GLU A 463 13.95 -2.70 17.47
C GLU A 463 13.86 -1.18 17.40
N LEU A 464 12.72 -0.64 17.81
CA LEU A 464 12.55 0.82 17.89
C LEU A 464 13.08 1.39 19.20
N GLY A 465 12.94 0.66 20.31
CA GLY A 465 13.53 1.08 21.55
C GLY A 465 12.77 2.16 22.32
N SER A 466 13.29 3.37 22.27
CA SER A 466 12.89 4.46 23.14
C SER A 466 13.02 5.76 22.35
N LYS A 467 13.15 6.89 23.06
CA LYS A 467 13.41 8.24 22.52
C LYS A 467 12.32 8.69 21.53
N ASN A 468 11.20 9.13 22.12
CA ASN A 468 10.01 9.72 21.46
C ASN A 468 9.35 8.79 20.44
N GLU A 469 8.73 7.74 20.97
CA GLU A 469 7.91 6.80 20.20
C GLU A 469 6.76 7.49 19.49
N LEU A 470 6.52 7.10 18.24
CA LEU A 470 5.37 7.59 17.51
C LEU A 470 4.12 6.92 18.04
N LYS A 471 3.30 7.67 18.77
CA LYS A 471 2.07 7.14 19.34
C LYS A 471 0.98 7.11 18.27
N TYR A 472 -0.10 6.38 18.56
CA TYR A 472 -1.17 6.25 17.58
C TYR A 472 -1.99 7.52 17.44
N ARG A 473 -2.00 8.38 18.46
CA ARG A 473 -2.65 9.68 18.31
C ARG A 473 -1.82 10.61 17.43
N ASP A 474 -0.50 10.42 17.42
CA ASP A 474 0.35 11.17 16.51
C ASP A 474 0.16 10.72 15.06
N VAL A 475 -0.14 9.45 14.85
CA VAL A 475 -0.32 8.94 13.49
C VAL A 475 -1.67 9.40 12.93
N PHE A 476 -2.72 9.40 13.76
CA PHE A 476 -4.03 9.87 13.31
C PHE A 476 -4.03 11.36 13.04
N LEU A 477 -3.13 12.12 13.68
CA LEU A 477 -3.02 13.54 13.42
C LEU A 477 -2.36 13.80 12.07
N ILE A 478 -1.50 12.90 11.62
CA ILE A 478 -0.83 13.08 10.34
C ILE A 478 -1.79 12.79 9.19
N CYS A 479 -2.57 11.71 9.29
CA CYS A 479 -3.41 11.29 8.17
C CYS A 479 -4.60 12.23 7.95
N THR A 480 -5.08 12.89 9.00
CA THR A 480 -6.22 13.78 8.84
C THR A 480 -5.82 15.20 8.48
N ALA A 481 -4.68 15.68 8.98
CA ALA A 481 -4.23 17.02 8.61
C ALA A 481 -3.68 17.07 7.20
N SER A 482 -3.07 15.98 6.72
CA SER A 482 -2.50 15.95 5.39
C SER A 482 -3.55 15.75 4.32
N MET A 483 -4.55 14.91 4.59
CA MET A 483 -5.57 14.63 3.58
C MET A 483 -6.59 15.75 3.49
N SER A 484 -6.72 16.58 4.53
CA SER A 484 -7.52 17.80 4.42
C SER A 484 -6.83 18.83 3.55
N ALA A 485 -5.49 18.86 3.58
CA ALA A 485 -4.74 19.77 2.71
C ALA A 485 -4.77 19.30 1.27
N ILE A 486 -4.76 17.98 1.05
CA ILE A 486 -4.88 17.43 -0.29
C ILE A 486 -6.28 17.69 -0.85
N ALA A 487 -7.30 17.45 -0.03
CA ALA A 487 -8.67 17.73 -0.46
C ALA A 487 -8.95 19.22 -0.59
N GLY A 488 -8.18 20.06 0.12
CA GLY A 488 -8.36 21.49 -0.05
C GLY A 488 -7.85 21.98 -1.39
N VAL A 489 -6.64 21.57 -1.77
CA VAL A 489 -6.05 21.96 -3.05
C VAL A 489 -6.80 21.33 -4.21
N MET A 490 -7.25 20.08 -4.06
CA MET A 490 -8.01 19.43 -5.11
C MET A 490 -9.42 19.99 -5.28
N PHE A 491 -9.98 20.61 -4.24
CA PHE A 491 -11.24 21.33 -4.38
C PHE A 491 -11.02 22.71 -4.98
N VAL A 492 -9.85 23.30 -4.72
CA VAL A 492 -9.45 24.52 -5.42
C VAL A 492 -9.29 24.24 -6.91
N HIS A 493 -8.64 23.13 -7.26
CA HIS A 493 -8.35 22.81 -8.66
C HIS A 493 -9.63 22.51 -9.43
N LEU A 494 -10.59 21.81 -8.81
CA LEU A 494 -11.86 21.57 -9.48
C LEU A 494 -12.69 22.84 -9.60
N SER A 495 -12.47 23.80 -8.70
CA SER A 495 -13.17 25.07 -8.80
C SER A 495 -12.47 26.04 -9.75
N LEU A 496 -11.15 26.19 -9.61
CA LEU A 496 -10.42 27.20 -10.35
C LEU A 496 -9.96 26.71 -11.72
N LEU A 497 -10.87 26.13 -12.51
CA LEU A 497 -10.64 25.98 -13.94
C LEU A 497 -11.85 26.29 -14.80
N GLU A 498 -13.07 26.23 -14.25
CA GLU A 498 -14.25 26.61 -15.02
C GLU A 498 -14.30 28.11 -15.24
N LYS A 499 -13.77 28.89 -14.30
CA LYS A 499 -13.76 30.34 -14.44
C LYS A 499 -12.65 30.79 -15.39
N GLY A 500 -11.68 29.92 -15.67
CA GLY A 500 -10.55 30.26 -16.53
C GLY A 500 -9.23 30.09 -15.82
N TYR A 501 -8.54 31.21 -15.57
CA TYR A 501 -7.37 31.31 -14.70
C TYR A 501 -6.21 30.42 -15.15
N SER A 502 -5.61 30.79 -16.29
CA SER A 502 -4.28 30.37 -16.72
C SER A 502 -4.21 28.85 -16.93
N PHE A 503 -4.87 28.42 -18.02
CA PHE A 503 -5.00 27.01 -18.39
C PHE A 503 -3.66 26.28 -18.51
N ARG A 504 -2.60 26.98 -18.91
CA ARG A 504 -1.28 26.34 -18.95
C ARG A 504 -0.68 26.25 -17.54
N GLN A 505 -1.03 27.18 -16.67
CA GLN A 505 -0.44 27.24 -15.33
C GLN A 505 -1.27 26.51 -14.28
N VAL A 506 -2.58 26.36 -14.50
CA VAL A 506 -3.41 25.68 -13.51
C VAL A 506 -3.20 24.16 -13.57
N GLN A 507 -2.60 23.65 -14.65
CA GLN A 507 -2.34 22.22 -14.79
C GLN A 507 -0.95 21.86 -14.25
N VAL A 508 -0.50 22.68 -13.30
CA VAL A 508 0.69 22.38 -12.50
C VAL A 508 0.35 22.09 -11.05
N ILE A 509 -0.76 22.61 -10.54
CA ILE A 509 -1.23 22.40 -9.17
C ILE A 509 -1.57 20.95 -8.81
N PRO A 510 -1.88 20.00 -9.72
CA PRO A 510 -1.83 18.60 -9.25
C PRO A 510 -0.42 18.12 -9.00
N GLY A 511 0.53 18.43 -9.89
CA GLY A 511 1.90 18.04 -9.67
C GLY A 511 2.58 18.82 -8.56
N LEU A 512 2.06 20.01 -8.24
CA LEU A 512 2.62 20.80 -7.15
C LEU A 512 2.29 20.17 -5.80
N LEU A 513 1.14 19.49 -5.70
CA LEU A 513 0.73 18.88 -4.44
C LEU A 513 1.57 17.67 -4.12
N LEU A 514 1.97 16.91 -5.15
CA LEU A 514 2.83 15.74 -4.92
C LEU A 514 4.26 16.18 -4.59
N LEU A 515 4.74 17.23 -5.25
CA LEU A 515 6.08 17.74 -4.95
C LEU A 515 6.14 18.40 -3.58
N GLY A 516 5.01 18.92 -3.10
CA GLY A 516 4.98 19.49 -1.76
C GLY A 516 5.13 18.44 -0.67
N PHE A 517 4.51 17.27 -0.87
CA PHE A 517 4.62 16.20 0.12
C PHE A 517 5.91 15.42 -0.06
N LEU A 518 6.49 15.45 -1.26
CA LEU A 518 7.82 14.87 -1.45
C LEU A 518 8.88 15.69 -0.71
N LEU A 519 8.72 17.00 -0.68
CA LEU A 519 9.66 17.86 0.03
C LEU A 519 9.44 17.82 1.54
N ILE A 520 8.21 17.53 1.98
CA ILE A 520 7.93 17.41 3.41
C ILE A 520 8.60 16.15 3.96
N LEU A 521 8.63 15.08 3.18
CA LEU A 521 9.24 13.83 3.62
C LEU A 521 10.75 13.94 3.74
N ILE A 522 11.37 14.86 3.01
CA ILE A 522 12.79 15.13 3.13
C ILE A 522 13.04 16.52 3.75
N CYS A 523 12.05 17.07 4.44
CA CYS A 523 12.25 18.31 5.19
C CYS A 523 13.14 18.04 6.39
N PRO A 524 14.35 18.61 6.45
CA PRO A 524 15.34 18.16 7.43
C PRO A 524 15.45 18.99 8.72
N LEU A 525 14.54 19.94 8.97
CA LEU A 525 14.87 20.88 10.03
C LEU A 525 14.59 20.32 11.43
N ASN A 526 13.33 20.37 11.89
CA ASN A 526 12.88 19.56 13.01
C ASN A 526 11.37 19.37 12.97
N ILE A 527 10.74 19.55 11.80
CA ILE A 527 9.36 20.02 11.81
C ILE A 527 8.33 18.91 11.92
N PHE A 528 8.25 18.05 10.90
CA PHE A 528 7.20 17.05 10.84
C PHE A 528 7.74 15.68 11.22
N TYR A 529 7.90 15.49 12.54
CA TYR A 529 8.33 14.24 13.18
C TYR A 529 9.69 13.78 12.66
N LYS A 530 10.71 14.60 12.98
CA LYS A 530 12.09 14.22 12.75
C LYS A 530 12.43 12.97 13.55
N SER A 531 13.32 12.15 12.99
CA SER A 531 13.69 10.79 13.39
C SER A 531 12.54 9.81 13.29
N SER A 532 11.44 10.19 12.63
CA SER A 532 10.40 9.26 12.21
C SER A 532 10.12 9.35 10.72
N ARG A 533 10.43 10.48 10.08
CA ARG A 533 10.51 10.55 8.62
C ARG A 533 11.84 10.06 8.09
N TYR A 534 12.93 10.27 8.82
CA TYR A 534 14.22 9.76 8.40
C TYR A 534 14.47 8.32 8.83
N ARG A 535 13.64 7.80 9.73
CA ARG A 535 13.61 6.35 9.93
C ARG A 535 12.98 5.66 8.74
N LEU A 536 12.03 6.33 8.08
CA LEU A 536 11.33 5.74 6.94
C LEU A 536 12.24 5.65 5.71
N ILE A 537 12.95 6.72 5.39
CA ILE A 537 13.81 6.70 4.20
C ILE A 537 15.05 5.85 4.45
N SER A 538 15.44 5.64 5.71
CA SER A 538 16.49 4.68 6.02
C SER A 538 16.05 3.24 5.78
N VAL A 539 14.73 2.99 5.78
CA VAL A 539 14.23 1.65 5.48
C VAL A 539 14.08 1.45 3.97
N ILE A 540 13.55 2.47 3.26
CA ILE A 540 13.34 2.36 1.82
C ILE A 540 14.68 2.36 1.06
N ARG A 541 15.74 2.86 1.69
CA ARG A 541 17.07 2.69 1.12
C ARG A 541 17.49 1.22 1.13
N ASN A 542 17.14 0.49 2.19
CA ASN A 542 17.44 -0.93 2.26
C ASN A 542 16.47 -1.77 1.43
N ILE A 543 15.33 -1.21 1.04
CA ILE A 543 14.33 -1.98 0.30
C ILE A 543 14.63 -1.97 -1.20
N VAL A 544 14.92 -0.78 -1.75
CA VAL A 544 15.14 -0.67 -3.20
C VAL A 544 16.47 -1.29 -3.59
N PHE A 545 17.50 -1.12 -2.77
CA PHE A 545 18.76 -1.84 -2.92
C PHE A 545 18.65 -3.13 -2.12
N SER A 546 17.88 -4.08 -2.67
CA SER A 546 17.36 -5.21 -1.90
C SER A 546 18.40 -6.26 -1.50
N PRO A 547 19.20 -6.88 -2.40
CA PRO A 547 20.12 -7.91 -1.91
C PRO A 547 21.41 -7.34 -1.33
N LEU A 548 21.61 -6.03 -1.39
CA LEU A 548 22.86 -5.43 -0.92
C LEU A 548 22.89 -5.29 0.60
N TYR A 549 21.73 -5.17 1.24
CA TYR A 549 21.65 -4.92 2.66
C TYR A 549 21.09 -6.12 3.39
N LYS A 550 21.49 -6.27 4.66
CA LYS A 550 20.93 -7.31 5.51
C LYS A 550 19.47 -7.01 5.84
N VAL A 551 18.74 -8.07 6.19
CA VAL A 551 17.31 -7.98 6.44
C VAL A 551 17.07 -8.11 7.93
N VAL A 552 16.36 -7.13 8.50
CA VAL A 552 15.85 -7.18 9.87
C VAL A 552 14.34 -7.07 9.76
N MET A 553 13.64 -6.98 10.89
CA MET A 553 12.19 -6.98 10.86
C MET A 553 11.60 -5.58 10.75
N LEU A 554 12.34 -4.62 10.21
CA LEU A 554 11.77 -3.34 9.82
C LEU A 554 11.79 -3.10 8.33
N ASP A 555 12.82 -3.55 7.62
CA ASP A 555 12.82 -3.50 6.17
C ASP A 555 12.26 -4.77 5.55
N PHE A 556 11.85 -5.74 6.38
CA PHE A 556 10.98 -6.82 5.94
C PHE A 556 9.52 -6.40 6.08
N PHE A 557 9.19 -5.72 7.17
CA PHE A 557 7.83 -5.31 7.44
C PHE A 557 7.35 -4.27 6.43
N MET A 558 8.19 -3.25 6.18
CA MET A 558 7.83 -2.21 5.22
C MET A 558 7.93 -2.68 3.78
N ALA A 559 8.67 -3.75 3.52
CA ALA A 559 8.72 -4.29 2.15
C ALA A 559 7.43 -5.03 1.79
N ASP A 560 6.70 -5.52 2.78
CA ASP A 560 5.40 -6.12 2.53
C ASP A 560 4.28 -5.11 2.49
N GLN A 561 4.49 -3.91 3.06
CA GLN A 561 3.49 -2.86 2.91
C GLN A 561 3.47 -2.32 1.48
N LEU A 562 4.61 -2.38 0.79
CA LEU A 562 4.68 -1.95 -0.60
C LEU A 562 4.03 -2.95 -1.55
N CYS A 563 3.86 -4.20 -1.14
CA CYS A 563 3.24 -5.21 -1.98
C CYS A 563 1.74 -5.06 -2.09
N SER A 564 1.11 -4.30 -1.20
CA SER A 564 -0.30 -3.97 -1.30
C SER A 564 -0.53 -2.61 -1.96
N GLN A 565 0.53 -1.90 -2.31
CA GLN A 565 0.45 -0.60 -2.95
C GLN A 565 0.86 -0.67 -4.42
N VAL A 566 0.65 -1.81 -5.06
CA VAL A 566 0.95 -2.00 -6.48
C VAL A 566 -0.01 -1.19 -7.37
N PRO A 567 -1.33 -1.09 -7.11
CA PRO A 567 -2.11 -0.10 -7.87
C PRO A 567 -1.79 1.34 -7.54
N MET A 568 -1.14 1.62 -6.41
CA MET A 568 -0.71 2.99 -6.13
C MET A 568 0.49 3.40 -6.97
N LEU A 569 1.41 2.48 -7.23
CA LEU A 569 2.60 2.77 -8.01
C LEU A 569 2.32 2.87 -9.50
N ARG A 570 1.14 2.44 -9.94
CA ARG A 570 0.67 2.76 -11.28
C ARG A 570 -0.03 4.12 -11.34
N ASN A 571 -0.44 4.66 -10.19
CA ASN A 571 -0.88 6.03 -10.04
C ASN A 571 0.27 6.96 -9.68
N LEU A 572 1.49 6.54 -9.98
CA LEU A 572 2.67 7.36 -9.77
C LEU A 572 3.57 7.36 -11.01
N GLU A 573 3.37 6.43 -11.93
CA GLU A 573 4.09 6.42 -13.20
C GLU A 573 3.33 7.19 -14.27
N TYR A 574 2.20 7.80 -13.91
CA TYR A 574 1.57 8.79 -14.76
C TYR A 574 1.76 10.21 -14.23
N ILE A 575 2.10 10.38 -12.96
CA ILE A 575 2.46 11.68 -12.41
C ILE A 575 3.98 11.76 -12.41
N ALA A 576 4.61 10.78 -13.06
CA ALA A 576 6.02 10.88 -13.43
C ALA A 576 6.18 10.73 -14.94
N CYS A 577 5.10 10.95 -15.68
CA CYS A 577 5.13 10.97 -17.14
C CYS A 577 4.36 12.14 -17.73
N TYR A 578 3.40 12.71 -17.00
CA TYR A 578 2.66 13.88 -17.43
C TYR A 578 3.35 15.18 -17.06
N TYR A 579 4.36 15.14 -16.18
CA TYR A 579 5.01 16.35 -15.69
C TYR A 579 6.53 16.30 -15.83
N ILE A 580 7.06 15.35 -16.62
CA ILE A 580 8.50 15.28 -16.83
C ILE A 580 8.81 15.14 -18.31
N THR A 581 7.78 14.83 -19.11
CA THR A 581 7.95 14.66 -20.55
C THR A 581 7.27 15.75 -21.35
N GLY A 582 6.94 16.88 -20.72
CA GLY A 582 6.33 17.98 -21.44
C GLY A 582 4.89 17.77 -21.84
N SER A 583 4.15 16.95 -21.10
CA SER A 583 2.74 16.73 -21.37
C SER A 583 1.84 17.76 -20.70
N TYR A 584 2.42 18.74 -20.01
CA TYR A 584 1.67 19.79 -19.35
C TYR A 584 1.95 21.18 -19.93
N ALA A 585 2.69 21.26 -21.03
CA ALA A 585 3.00 22.53 -21.68
C ALA A 585 1.95 22.88 -22.72
N THR A 586 1.79 22.04 -23.74
CA THR A 586 0.69 22.17 -24.69
C THR A 586 -0.51 21.33 -24.29
N GLN A 587 -0.52 20.81 -23.05
CA GLN A 587 -1.53 19.89 -22.53
C GLN A 587 -1.70 18.66 -23.42
N ASP A 588 -0.58 18.01 -23.74
CA ASP A 588 -0.61 16.73 -24.44
C ASP A 588 -1.17 15.67 -23.49
N TYR A 589 -2.30 15.07 -23.87
CA TYR A 589 -3.03 14.20 -22.96
C TYR A 589 -2.46 12.78 -22.90
N GLU A 590 -2.60 12.02 -23.98
CA GLU A 590 -2.18 10.62 -23.97
C GLU A 590 -0.85 10.50 -24.71
N TYR A 591 0.18 11.05 -24.08
CA TYR A 591 1.52 10.94 -24.64
C TYR A 591 2.20 9.64 -24.20
N CYS A 592 1.88 9.16 -23.01
CA CYS A 592 2.54 7.99 -22.44
C CYS A 592 1.86 6.70 -22.87
N MET A 593 0.53 6.66 -22.84
CA MET A 593 -0.19 5.43 -23.17
C MET A 593 -0.40 5.24 -24.67
N ARG A 594 -0.03 6.21 -25.50
CA ARG A 594 -0.15 6.03 -26.94
C ARG A 594 0.93 5.09 -27.47
N VAL A 595 2.18 5.33 -27.08
CA VAL A 595 3.24 4.37 -27.39
C VAL A 595 3.18 3.24 -26.37
N LYS A 596 3.25 2.01 -26.84
CA LYS A 596 3.19 0.84 -25.97
C LYS A 596 4.54 0.44 -25.40
N TYR A 597 5.57 1.25 -25.64
CA TYR A 597 6.83 1.14 -24.91
C TYR A 597 6.76 1.76 -23.53
N TYR A 598 5.68 2.48 -23.22
CA TYR A 598 5.38 2.98 -21.88
C TYR A 598 4.07 2.39 -21.37
N ARG A 599 3.67 1.24 -21.90
CA ARG A 599 2.49 0.53 -21.45
C ARG A 599 2.81 -0.76 -20.73
N ASP A 600 3.72 -1.58 -21.27
CA ASP A 600 4.26 -2.70 -20.51
C ASP A 600 5.39 -2.28 -19.59
N LEU A 601 6.09 -1.19 -19.91
CA LEU A 601 7.04 -0.59 -19.00
C LEU A 601 6.36 0.19 -17.88
N ALA A 602 5.07 0.48 -18.01
CA ALA A 602 4.27 0.94 -16.88
C ALA A 602 3.67 -0.23 -16.11
N TYR A 603 3.90 -1.45 -16.57
CA TYR A 603 3.42 -2.66 -15.92
C TYR A 603 4.52 -3.55 -15.38
N ALA A 604 5.67 -3.63 -16.06
CA ALA A 604 6.79 -4.40 -15.53
C ALA A 604 7.48 -3.67 -14.39
N VAL A 605 7.51 -2.34 -14.44
CA VAL A 605 8.02 -1.53 -13.33
C VAL A 605 6.98 -1.41 -12.22
N SER A 606 5.72 -1.74 -12.51
CA SER A 606 4.70 -1.77 -11.46
C SER A 606 4.94 -2.89 -10.46
N PHE A 607 5.46 -4.03 -10.91
CA PHE A 607 5.78 -5.14 -10.02
C PHE A 607 7.22 -5.10 -9.53
N LEU A 608 7.65 -3.96 -9.03
CA LEU A 608 8.88 -3.82 -8.27
C LEU A 608 8.79 -4.24 -6.79
N PRO A 609 7.69 -3.99 -6.04
CA PRO A 609 7.66 -4.50 -4.66
C PRO A 609 7.69 -6.01 -4.54
N TYR A 610 7.22 -6.74 -5.56
CA TYR A 610 7.39 -8.19 -5.53
C TYR A 610 8.80 -8.61 -5.92
N TYR A 611 9.53 -7.76 -6.64
CA TYR A 611 10.93 -8.04 -6.92
C TYR A 611 11.82 -7.68 -5.73
N TRP A 612 11.51 -6.58 -5.06
CA TRP A 612 12.31 -6.16 -3.90
C TRP A 612 12.16 -7.12 -2.73
N ARG A 613 10.97 -7.70 -2.57
CA ARG A 613 10.73 -8.62 -1.48
C ARG A 613 11.23 -10.03 -1.80
N ALA A 614 11.28 -10.40 -3.07
CA ALA A 614 11.85 -11.70 -3.44
C ALA A 614 13.37 -11.71 -3.32
N MET A 615 14.00 -10.55 -3.53
CA MET A 615 15.45 -10.47 -3.39
C MET A 615 15.88 -10.44 -1.93
N GLN A 616 14.96 -10.07 -1.02
CA GLN A 616 15.28 -10.13 0.41
C GLN A 616 15.30 -11.56 0.90
N CYS A 617 14.42 -12.41 0.35
CA CYS A 617 14.44 -13.83 0.69
C CYS A 617 15.67 -14.51 0.11
N ALA A 618 16.18 -14.00 -1.00
CA ALA A 618 17.45 -14.44 -1.57
C ALA A 618 18.65 -13.98 -0.78
N ARG A 619 18.47 -13.03 0.14
CA ARG A 619 19.54 -12.56 1.01
C ARG A 619 19.57 -13.29 2.34
N ARG A 620 18.42 -13.62 2.92
CA ARG A 620 18.37 -14.42 4.14
C ARG A 620 18.77 -15.86 3.88
N TRP A 621 18.62 -16.35 2.64
CA TRP A 621 19.16 -17.66 2.29
C TRP A 621 20.66 -17.62 2.13
N PHE A 622 21.23 -16.43 1.93
CA PHE A 622 22.69 -16.29 1.89
C PHE A 622 23.23 -16.13 3.31
N ASP A 623 22.58 -15.31 4.12
CA ASP A 623 23.03 -15.08 5.50
C ASP A 623 22.78 -16.30 6.37
N GLU A 624 21.52 -16.71 6.51
CA GLU A 624 21.16 -17.93 7.21
C GLU A 624 21.17 -19.09 6.24
N GLY A 625 20.82 -20.27 6.74
CA GLY A 625 20.84 -21.45 5.90
C GLY A 625 19.55 -22.25 5.93
N GLU A 626 18.44 -21.61 6.28
CA GLU A 626 17.16 -22.30 6.28
C GLU A 626 16.63 -22.44 4.85
N THR A 627 16.02 -23.58 4.58
CA THR A 627 15.44 -23.82 3.25
C THR A 627 14.06 -23.21 3.10
N SER A 628 13.48 -22.64 4.16
CA SER A 628 12.18 -21.99 4.06
C SER A 628 12.25 -20.65 3.35
N HIS A 629 13.43 -20.03 3.29
CA HIS A 629 13.55 -18.77 2.57
C HIS A 629 13.47 -18.96 1.07
N LEU A 630 13.85 -20.14 0.56
CA LEU A 630 13.68 -20.43 -0.85
C LEU A 630 12.22 -20.71 -1.17
N VAL A 631 11.50 -21.33 -0.24
CA VAL A 631 10.05 -21.49 -0.39
C VAL A 631 9.36 -20.13 -0.25
N ASN A 632 9.92 -19.24 0.58
CA ASN A 632 9.43 -17.88 0.66
C ASN A 632 9.78 -17.09 -0.60
N LEU A 633 10.92 -17.41 -1.22
CA LEU A 633 11.32 -16.75 -2.47
C LEU A 633 10.35 -17.09 -3.59
N GLY A 634 9.86 -18.34 -3.62
CA GLY A 634 8.95 -18.74 -4.67
C GLY A 634 7.58 -18.11 -4.57
N LYS A 635 7.24 -17.54 -3.42
CA LYS A 635 5.93 -16.94 -3.23
C LYS A 635 5.78 -15.65 -4.03
N TYR A 636 6.82 -14.84 -4.07
CA TYR A 636 6.77 -13.56 -4.79
C TYR A 636 7.09 -13.71 -6.27
N VAL A 637 7.80 -14.77 -6.65
CA VAL A 637 8.03 -15.05 -8.07
C VAL A 637 6.80 -15.73 -8.69
N SER A 638 5.98 -16.40 -7.87
CA SER A 638 4.75 -17.01 -8.40
C SER A 638 3.73 -15.95 -8.77
N ALA A 639 3.65 -14.87 -7.99
CA ALA A 639 2.87 -13.70 -8.41
C ALA A 639 3.73 -12.69 -9.15
N MET A 640 4.55 -13.16 -10.07
CA MET A 640 5.18 -12.34 -11.11
C MET A 640 5.01 -13.09 -12.41
N LEU A 641 5.00 -14.43 -12.32
CA LEU A 641 4.69 -15.25 -13.48
C LEU A 641 3.21 -15.16 -13.84
N ALA A 642 2.35 -15.02 -12.83
CA ALA A 642 0.93 -14.83 -13.10
C ALA A 642 0.67 -13.48 -13.75
N ALA A 643 1.44 -12.46 -13.38
CA ALA A 643 1.39 -11.19 -14.09
C ALA A 643 2.05 -11.29 -15.46
N GLY A 644 3.08 -12.13 -15.58
CA GLY A 644 3.81 -12.26 -16.84
C GLY A 644 3.04 -13.01 -17.91
N THR A 645 2.20 -13.97 -17.53
CA THR A 645 1.44 -14.72 -18.53
C THR A 645 0.32 -13.88 -19.14
N LYS A 646 -0.18 -12.87 -18.41
CA LYS A 646 -1.27 -12.07 -18.93
C LYS A 646 -0.78 -11.09 -20.00
N VAL A 647 0.45 -10.60 -19.85
CA VAL A 647 1.04 -9.75 -20.89
C VAL A 647 1.27 -10.55 -22.16
N ALA A 648 1.64 -11.83 -22.02
CA ALA A 648 1.71 -12.71 -23.19
C ALA A 648 0.32 -13.07 -23.69
N TYR A 649 -0.68 -13.05 -22.81
CA TYR A 649 -2.05 -13.33 -23.24
C TYR A 649 -2.64 -12.14 -24.00
N GLU A 650 -2.29 -10.92 -23.62
CA GLU A 650 -2.83 -9.72 -24.27
C GLU A 650 -2.28 -9.49 -25.68
N LYS A 651 -1.26 -10.25 -26.10
CA LYS A 651 -0.71 -10.16 -27.44
C LYS A 651 -1.06 -11.34 -28.31
N GLU A 652 -1.47 -12.47 -27.73
CA GLU A 652 -1.87 -13.66 -28.46
C GLU A 652 -3.19 -14.19 -27.90
N ARG A 653 -4.19 -13.30 -27.83
CA ARG A 653 -5.51 -13.55 -27.24
C ARG A 653 -6.21 -14.76 -27.84
N SER A 654 -6.31 -15.83 -27.06
CA SER A 654 -6.89 -17.10 -27.48
C SER A 654 -7.19 -17.91 -26.22
N LEU A 655 -7.51 -19.19 -26.43
CA LEU A 655 -7.79 -20.08 -25.31
C LEU A 655 -6.51 -20.72 -24.75
N GLY A 656 -5.44 -20.77 -25.55
CA GLY A 656 -4.20 -21.39 -25.08
C GLY A 656 -3.51 -20.59 -23.99
N TRP A 657 -3.54 -19.27 -24.11
CA TRP A 657 -3.05 -18.40 -23.05
C TRP A 657 -4.11 -18.09 -22.00
N LEU A 658 -5.38 -18.43 -22.27
CA LEU A 658 -6.42 -18.25 -21.27
C LEU A 658 -6.38 -19.34 -20.22
N CYS A 659 -5.86 -20.53 -20.56
CA CYS A 659 -5.66 -21.57 -19.56
C CYS A 659 -4.50 -21.22 -18.63
N LEU A 660 -3.42 -20.68 -19.19
CA LEU A 660 -2.26 -20.34 -18.38
C LEU A 660 -2.44 -19.06 -17.56
N VAL A 661 -3.45 -18.24 -17.87
CA VAL A 661 -3.72 -17.04 -17.09
C VAL A 661 -4.70 -17.30 -15.96
N VAL A 662 -5.39 -18.45 -15.97
CA VAL A 662 -6.28 -18.82 -14.87
C VAL A 662 -5.70 -19.92 -14.01
N ALA A 663 -4.62 -20.56 -14.44
CA ALA A 663 -3.93 -21.56 -13.63
C ALA A 663 -2.77 -20.97 -12.84
N MET A 664 -1.94 -20.14 -13.46
CA MET A 664 -0.86 -19.46 -12.75
C MET A 664 -1.38 -18.39 -11.81
N SER A 665 -2.55 -17.82 -12.08
CA SER A 665 -3.19 -16.90 -11.15
C SER A 665 -3.95 -17.62 -10.04
N SER A 666 -4.16 -18.93 -10.18
CA SER A 666 -4.70 -19.73 -9.10
C SER A 666 -3.63 -20.50 -8.33
N VAL A 667 -2.48 -20.76 -8.97
CA VAL A 667 -1.32 -21.26 -8.24
C VAL A 667 -0.79 -20.18 -7.31
N ALA A 668 -0.70 -18.94 -7.81
CA ALA A 668 -0.15 -17.84 -7.00
C ALA A 668 -1.10 -17.45 -5.87
N THR A 669 -2.40 -17.68 -6.04
CA THR A 669 -3.35 -17.33 -4.99
C THR A 669 -3.29 -18.32 -3.83
N ILE A 670 -3.14 -19.61 -4.13
CA ILE A 670 -3.08 -20.59 -3.04
C ILE A 670 -1.68 -20.62 -2.42
N TYR A 671 -0.67 -20.12 -3.13
CA TYR A 671 0.69 -20.11 -2.62
C TYR A 671 0.97 -18.90 -1.75
N GLN A 672 0.13 -17.87 -1.79
CA GLN A 672 0.19 -16.76 -0.86
C GLN A 672 -0.80 -16.89 0.28
N LEU A 673 -1.91 -17.59 0.06
CA LEU A 673 -2.83 -17.89 1.15
C LEU A 673 -2.25 -18.95 2.08
N TYR A 674 -1.38 -19.82 1.56
CA TYR A 674 -0.69 -20.78 2.42
C TYR A 674 0.31 -20.09 3.31
N TRP A 675 1.04 -19.11 2.77
CA TRP A 675 2.08 -18.44 3.56
C TRP A 675 1.48 -17.46 4.57
N ASP A 676 0.30 -16.93 4.29
CA ASP A 676 -0.34 -16.01 5.23
C ASP A 676 -0.83 -16.74 6.47
N PHE A 677 -1.43 -17.90 6.30
CA PHE A 677 -2.07 -18.60 7.42
C PHE A 677 -1.09 -19.45 8.22
N VAL A 678 -0.17 -20.14 7.54
CA VAL A 678 0.70 -21.11 8.20
C VAL A 678 2.00 -20.45 8.65
N LYS A 679 2.68 -19.74 7.76
CA LYS A 679 4.01 -19.25 8.05
C LYS A 679 4.04 -17.86 8.64
N ASP A 680 3.15 -16.96 8.19
CA ASP A 680 3.14 -15.60 8.72
C ASP A 680 2.37 -15.53 10.04
N TRP A 681 1.10 -15.92 10.02
CA TRP A 681 0.26 -15.81 11.20
C TRP A 681 0.51 -16.94 12.20
N GLY A 682 1.11 -18.04 11.77
CA GLY A 682 1.38 -19.13 12.66
C GLY A 682 0.19 -19.98 13.04
N LEU A 683 -0.90 -19.88 12.28
CA LEU A 683 -2.11 -20.65 12.55
C LEU A 683 -2.07 -21.96 11.78
N LEU A 684 -3.22 -22.65 11.74
CA LEU A 684 -3.41 -23.94 11.05
C LEU A 684 -2.43 -25.02 11.53
N GLN A 685 -2.15 -25.02 12.83
CA GLN A 685 -1.33 -26.06 13.44
C GLN A 685 -2.16 -27.32 13.53
N HIS A 686 -1.63 -28.43 13.00
CA HIS A 686 -2.41 -29.65 12.85
C HIS A 686 -2.70 -30.31 14.20
N ASN A 687 -1.69 -30.41 15.06
CA ASN A 687 -1.84 -31.03 16.38
C ASN A 687 -1.71 -29.91 17.41
N SER A 688 -2.86 -29.38 17.84
CA SER A 688 -2.89 -28.29 18.79
C SER A 688 -4.09 -28.45 19.72
N ASN A 689 -4.05 -27.73 20.84
CA ASN A 689 -5.19 -27.69 21.75
C ASN A 689 -6.36 -26.93 21.12
N ASN A 690 -6.09 -25.74 20.60
CA ASN A 690 -7.09 -24.99 19.86
C ASN A 690 -7.18 -25.54 18.44
N PRO A 691 -8.36 -25.97 17.97
CA PRO A 691 -8.45 -26.54 16.62
C PRO A 691 -8.28 -25.46 15.55
N TRP A 692 -7.45 -25.78 14.56
CA TRP A 692 -7.09 -24.96 13.38
C TRP A 692 -6.35 -23.67 13.72
N LEU A 693 -5.95 -23.48 14.97
CA LEU A 693 -5.11 -22.36 15.38
C LEU A 693 -3.86 -22.93 16.05
N ARG A 694 -3.05 -22.05 16.64
CA ARG A 694 -1.86 -22.50 17.33
C ARG A 694 -2.19 -22.83 18.77
N ASN A 695 -1.17 -23.22 19.55
CA ASN A 695 -1.40 -23.65 20.92
C ASN A 695 -1.64 -22.47 21.86
N GLN A 696 -0.81 -21.45 21.78
CA GLN A 696 -0.90 -20.28 22.64
C GLN A 696 -1.52 -19.12 21.87
N LEU A 697 -2.67 -18.64 22.35
CA LEU A 697 -3.36 -17.51 21.77
C LEU A 697 -3.24 -16.30 22.68
N MET A 698 -3.31 -15.12 22.08
CA MET A 698 -3.16 -13.87 22.80
C MET A 698 -4.46 -13.10 22.94
N LEU A 699 -5.37 -13.20 21.98
CA LEU A 699 -6.70 -12.66 22.12
C LEU A 699 -7.58 -13.65 22.89
N ARG A 700 -8.40 -13.13 23.80
CA ARG A 700 -9.24 -13.99 24.61
C ARG A 700 -10.45 -14.49 23.82
N GLN A 701 -11.07 -13.62 23.05
CA GLN A 701 -12.17 -14.02 22.16
C GLN A 701 -11.56 -14.75 20.97
N LYS A 702 -11.68 -16.07 20.96
CA LYS A 702 -11.02 -16.90 19.96
C LYS A 702 -11.90 -17.17 18.74
N SER A 703 -12.82 -16.26 18.45
CA SER A 703 -13.55 -16.26 17.18
C SER A 703 -13.11 -15.13 16.27
N ILE A 704 -12.24 -14.25 16.74
CA ILE A 704 -11.67 -13.22 15.88
C ILE A 704 -10.66 -13.83 14.93
N TYR A 705 -9.99 -14.90 15.35
CA TYR A 705 -9.05 -15.62 14.49
C TYR A 705 -9.79 -16.31 13.35
N TYR A 706 -10.98 -16.84 13.61
CA TYR A 706 -11.75 -17.49 12.56
C TYR A 706 -12.38 -16.49 11.62
N PHE A 707 -12.69 -15.29 12.09
CA PHE A 707 -13.19 -14.25 11.19
C PHE A 707 -12.07 -13.68 10.33
N SER A 708 -10.86 -13.58 10.89
CA SER A 708 -9.72 -13.08 10.13
C SER A 708 -9.19 -14.09 9.13
N MET A 709 -9.33 -15.39 9.40
CA MET A 709 -8.92 -16.41 8.46
C MET A 709 -9.87 -16.56 7.29
N VAL A 710 -11.08 -16.01 7.38
CA VAL A 710 -12.02 -15.99 6.28
C VAL A 710 -12.05 -14.64 5.59
N LEU A 711 -11.82 -13.54 6.30
CA LEU A 711 -11.73 -12.22 5.67
C LEU A 711 -10.47 -12.10 4.84
N ASN A 712 -9.37 -12.71 5.28
CA ASN A 712 -8.16 -12.74 4.46
C ASN A 712 -8.32 -13.65 3.24
N LEU A 713 -9.17 -14.67 3.33
CA LEU A 713 -9.41 -15.55 2.19
C LEU A 713 -10.23 -14.87 1.11
N VAL A 714 -11.23 -14.07 1.50
CA VAL A 714 -12.02 -13.34 0.52
C VAL A 714 -11.22 -12.17 -0.05
N LEU A 715 -10.47 -11.48 0.79
CA LEU A 715 -9.74 -10.29 0.34
C LEU A 715 -8.47 -10.62 -0.44
N ARG A 716 -8.12 -11.90 -0.61
CA ARG A 716 -7.17 -12.26 -1.65
C ARG A 716 -7.85 -12.62 -2.96
N LEU A 717 -8.84 -11.80 -3.33
CA LEU A 717 -9.47 -11.83 -4.64
C LEU A 717 -9.60 -10.44 -5.23
N ALA A 718 -9.62 -9.41 -4.40
CA ALA A 718 -9.36 -8.04 -4.83
C ALA A 718 -7.88 -7.79 -5.03
N TRP A 719 -7.02 -8.67 -4.51
CA TRP A 719 -5.59 -8.64 -4.80
C TRP A 719 -5.27 -9.17 -6.18
N LEU A 720 -6.06 -10.12 -6.68
CA LEU A 720 -5.85 -10.70 -8.01
C LEU A 720 -6.44 -9.84 -9.11
N GLN A 721 -7.14 -8.76 -8.77
CA GLN A 721 -7.63 -7.83 -9.77
C GLN A 721 -6.81 -6.54 -9.78
N THR A 722 -5.81 -6.45 -8.91
CA THR A 722 -4.80 -5.40 -8.98
C THR A 722 -3.47 -5.91 -9.49
N VAL A 723 -3.12 -7.17 -9.21
CA VAL A 723 -1.91 -7.74 -9.79
C VAL A 723 -2.14 -8.33 -11.18
N LEU A 724 -3.34 -8.24 -11.72
CA LEU A 724 -3.52 -8.66 -13.10
C LEU A 724 -3.88 -7.49 -14.00
N HIS A 725 -4.98 -6.80 -13.72
CA HIS A 725 -5.49 -5.81 -14.66
C HIS A 725 -5.45 -4.44 -14.00
N SER A 726 -4.88 -3.46 -14.71
CA SER A 726 -4.79 -2.11 -14.21
C SER A 726 -6.08 -1.35 -14.44
N SER A 727 -6.09 -0.05 -14.14
CA SER A 727 -7.25 0.78 -14.41
C SER A 727 -7.10 1.63 -15.66
N PHE A 728 -5.90 1.74 -16.24
CA PHE A 728 -5.67 2.60 -17.38
C PHE A 728 -5.85 1.87 -18.72
N GLU A 729 -6.00 0.54 -18.70
CA GLU A 729 -6.15 -0.21 -19.94
C GLU A 729 -7.60 -0.36 -20.36
N HIS A 730 -8.53 -0.57 -19.42
CA HIS A 730 -9.94 -0.65 -19.74
C HIS A 730 -10.66 0.50 -19.03
N VAL A 731 -11.72 0.98 -19.67
CA VAL A 731 -12.40 2.20 -19.26
C VAL A 731 -13.61 1.80 -18.42
N ASP A 732 -14.11 2.76 -17.62
CA ASP A 732 -15.40 2.80 -16.91
C ASP A 732 -15.39 1.91 -15.66
N TYR A 733 -14.33 1.15 -15.45
CA TYR A 733 -14.10 0.50 -14.17
C TYR A 733 -12.99 1.24 -13.41
N ARG A 734 -13.27 2.50 -13.09
CA ARG A 734 -12.30 3.34 -12.40
C ARG A 734 -12.68 3.69 -10.97
N VAL A 735 -13.97 3.82 -10.66
CA VAL A 735 -14.41 4.04 -9.29
C VAL A 735 -14.56 2.72 -8.54
N THR A 736 -14.64 1.60 -9.26
CA THR A 736 -14.56 0.29 -8.65
C THR A 736 -13.16 -0.31 -8.72
N GLY A 737 -12.27 0.25 -9.53
CA GLY A 737 -10.87 -0.11 -9.50
C GLY A 737 -10.09 0.51 -8.37
N LEU A 738 -10.67 1.51 -7.70
CA LEU A 738 -10.12 2.07 -6.48
C LEU A 738 -10.73 1.45 -5.23
N PHE A 739 -11.93 0.87 -5.35
CA PHE A 739 -12.50 0.14 -4.22
C PHE A 739 -11.85 -1.23 -4.07
N LEU A 740 -11.46 -1.86 -5.18
CA LEU A 740 -10.66 -3.08 -5.09
C LEU A 740 -9.21 -2.79 -4.72
N ALA A 741 -8.72 -1.58 -5.03
CA ALA A 741 -7.38 -1.18 -4.62
C ALA A 741 -7.33 -0.81 -3.15
N ALA A 742 -8.44 -0.39 -2.56
CA ALA A 742 -8.50 -0.03 -1.14
C ALA A 742 -8.91 -1.19 -0.26
N LEU A 743 -9.13 -2.37 -0.83
CA LEU A 743 -9.41 -3.56 -0.04
C LEU A 743 -8.17 -4.41 0.17
N GLU A 744 -7.14 -4.25 -0.66
CA GLU A 744 -5.84 -4.86 -0.42
C GLU A 744 -5.02 -4.07 0.59
N VAL A 745 -5.33 -2.78 0.79
CA VAL A 745 -4.72 -2.02 1.88
C VAL A 745 -5.28 -2.42 3.25
N ILE A 746 -6.56 -2.78 3.33
CA ILE A 746 -7.17 -3.27 4.55
C ILE A 746 -6.76 -4.71 4.84
N ARG A 747 -6.41 -5.48 3.81
CA ARG A 747 -5.90 -6.82 4.01
C ARG A 747 -4.46 -6.83 4.54
N ARG A 748 -3.68 -5.79 4.25
CA ARG A 748 -2.42 -5.55 4.93
C ARG A 748 -2.63 -4.82 6.26
N GLY A 749 -3.87 -4.53 6.63
CA GLY A 749 -4.13 -3.91 7.91
C GLY A 749 -4.31 -4.95 8.99
N GLN A 750 -4.99 -6.06 8.66
CA GLN A 750 -5.15 -7.16 9.59
C GLN A 750 -4.02 -8.18 9.48
N TRP A 751 -3.16 -8.05 8.47
CA TRP A 751 -1.99 -8.90 8.38
C TRP A 751 -0.88 -8.46 9.31
N ASN A 752 -0.82 -7.17 9.65
CA ASN A 752 0.22 -6.66 10.52
C ASN A 752 0.01 -7.09 11.97
N PHE A 753 -1.24 -7.32 12.37
CA PHE A 753 -1.50 -7.66 13.77
C PHE A 753 -1.09 -9.10 14.09
N TYR A 754 -1.51 -10.05 13.25
CA TYR A 754 -1.18 -11.45 13.52
C TYR A 754 0.24 -11.80 13.12
N ARG A 755 0.94 -10.94 12.39
CA ARG A 755 2.34 -11.18 12.10
C ARG A 755 3.20 -10.94 13.34
N LEU A 756 2.99 -9.82 14.02
CA LEU A 756 3.76 -9.53 15.23
C LEU A 756 3.27 -10.31 16.43
N GLU A 757 2.02 -10.79 16.40
CA GLU A 757 1.56 -11.70 17.44
C GLU A 757 2.28 -13.04 17.36
N ASN A 758 2.65 -13.44 16.16
CA ASN A 758 3.49 -14.62 15.95
C ASN A 758 4.98 -14.33 16.13
N GLU A 759 5.34 -13.11 16.53
CA GLU A 759 6.71 -12.80 16.93
C GLU A 759 6.84 -12.67 18.44
N HIS A 760 5.73 -12.61 19.16
CA HIS A 760 5.72 -12.53 20.61
C HIS A 760 5.45 -13.88 21.26
N LEU A 761 4.45 -14.62 20.77
CA LEU A 761 4.12 -15.93 21.30
C LEU A 761 4.82 -17.05 20.53
N ASN A 762 5.83 -16.67 19.76
CA ASN A 762 6.57 -17.63 18.93
C ASN A 762 7.73 -16.82 18.38
N ASN A 763 8.71 -17.33 17.70
CA ASN A 763 9.61 -16.40 16.96
C ASN A 763 9.65 -16.74 15.51
N ALA A 764 8.73 -16.18 14.77
CA ALA A 764 8.57 -16.66 13.40
C ALA A 764 9.27 -15.70 12.51
N GLY A 765 10.53 -15.93 12.26
CA GLY A 765 11.28 -15.08 11.34
C GLY A 765 12.65 -15.15 11.87
N LYS A 766 12.74 -15.60 13.07
CA LYS A 766 14.06 -15.89 13.61
C LYS A 766 14.87 -14.64 13.34
N PHE A 767 14.20 -13.50 13.19
CA PHE A 767 14.89 -12.21 13.05
C PHE A 767 15.61 -11.79 14.30
N ARG A 768 15.50 -12.54 15.39
CA ARG A 768 16.05 -12.17 16.72
C ARG A 768 15.98 -13.59 17.19
N ALA A 769 16.86 -13.93 18.08
CA ALA A 769 17.17 -15.34 18.29
C ALA A 769 16.69 -15.84 19.65
N VAL A 770 16.72 -15.00 20.69
CA VAL A 770 16.01 -15.23 21.94
C VAL A 770 14.49 -15.16 21.95
N LYS A 771 13.83 -16.27 22.30
CA LYS A 771 12.38 -16.36 22.19
C LYS A 771 11.66 -15.53 23.25
N THR A 772 12.32 -15.21 24.36
CA THR A 772 11.67 -14.48 25.45
C THR A 772 11.70 -12.99 25.15
N VAL A 773 10.54 -12.34 25.29
CA VAL A 773 10.38 -10.92 25.00
C VAL A 773 10.02 -10.24 26.31
N PRO A 774 10.69 -9.14 26.68
CA PRO A 774 10.34 -8.45 27.92
C PRO A 774 9.01 -7.71 27.82
N LEU A 775 8.52 -7.28 28.97
CA LEU A 775 7.22 -6.61 29.05
C LEU A 775 7.34 -5.20 28.47
N PRO A 776 6.29 -4.70 27.81
CA PRO A 776 6.35 -3.35 27.24
C PRO A 776 6.30 -2.28 28.32
N PHE A 777 6.95 -1.15 28.05
CA PHE A 777 7.01 -0.04 28.98
C PHE A 777 5.67 0.68 29.06
P PO4 B . 2.49 -10.78 -0.29
O1 PO4 B . 1.60 -11.71 0.48
O2 PO4 B . 3.15 -11.52 -1.43
O3 PO4 B . 1.65 -9.65 -0.86
O4 PO4 B . 3.53 -10.20 0.62
#